data_9DWC
#
_entry.id   9DWC
#
_cell.length_a   62.469
_cell.length_b   42.760
_cell.length_c   96.624
_cell.angle_alpha   90.00
_cell.angle_beta   97.87
_cell.angle_gamma   90.00
#
_symmetry.space_group_name_H-M   'P 1 21 1'
#
loop_
_entity.id
_entity.type
_entity.pdbx_description
1 polymer 'De novo designed FABLE protein'
2 water water
#
_entity_poly.entity_id   1
_entity_poly.type   'polypeptide(L)'
_entity_poly.pdbx_seq_one_letter_code
;SIKSEFAEGAAVFVEGVAVFLTMMAAFQNGDKEAVAQYLARGASLYTRHEELLNRLLQKLRREGNKEAVTLMNEFTATFQ
TGKSLANALIAAFKNGDDDSFESYLQAIWKVIAKMATILDQIAKAI
;
_entity_poly.pdbx_strand_id   A,B,C,D
#
# COMPACT_ATOMS: atom_id res chain seq x y z
N SER A 1 2.94 -2.76 15.28
CA SER A 1 2.05 -1.67 14.89
C SER A 1 2.64 -0.35 15.30
N ILE A 2 2.11 0.72 14.72
CA ILE A 2 2.48 2.06 15.15
C ILE A 2 2.28 2.22 16.65
N LYS A 3 1.12 1.79 17.14
CA LYS A 3 0.83 2.01 18.55
C LYS A 3 1.76 1.22 19.46
N SER A 4 2.10 0.00 19.08
N SER A 4 2.08 -0.01 19.08
CA SER A 4 2.98 -0.79 19.96
CA SER A 4 2.98 -0.82 19.89
C SER A 4 4.40 -0.23 19.96
C SER A 4 4.36 -0.21 19.96
N GLU A 5 4.91 0.20 18.79
CA GLU A 5 6.22 0.81 18.76
C GLU A 5 6.21 2.12 19.52
N PHE A 6 5.13 2.90 19.42
CA PHE A 6 5.13 4.18 20.09
C PHE A 6 5.18 3.99 21.59
N ALA A 7 4.34 3.07 22.11
CA ALA A 7 4.30 2.88 23.55
C ALA A 7 5.63 2.36 24.09
N GLU A 8 6.29 1.46 23.35
CA GLU A 8 7.55 0.92 23.79
C GLU A 8 8.62 1.99 23.78
N GLY A 9 8.63 2.83 22.74
CA GLY A 9 9.56 3.95 22.70
C GLY A 9 9.30 4.94 23.82
N ALA A 10 8.03 5.21 24.11
CA ALA A 10 7.71 6.10 25.21
C ALA A 10 8.22 5.55 26.53
N ALA A 11 8.09 4.24 26.75
CA ALA A 11 8.57 3.69 28.01
C ALA A 11 10.09 3.78 28.12
N VAL A 12 10.82 3.62 27.01
CA VAL A 12 12.27 3.80 27.06
C VAL A 12 12.62 5.24 27.36
N PHE A 13 11.87 6.17 26.78
CA PHE A 13 12.06 7.60 27.07
C PHE A 13 11.86 7.87 28.56
N VAL A 14 10.80 7.29 29.14
CA VAL A 14 10.52 7.44 30.57
C VAL A 14 11.68 6.91 31.40
N GLU A 15 12.20 5.74 31.03
CA GLU A 15 13.35 5.19 31.74
C GLU A 15 14.54 6.12 31.63
N GLY A 16 14.83 6.60 30.43
CA GLY A 16 15.99 7.48 30.24
C GLY A 16 15.88 8.78 31.01
N VAL A 17 14.70 9.38 30.99
CA VAL A 17 14.48 10.60 31.75
C VAL A 17 14.69 10.34 33.23
N ALA A 18 14.18 9.20 33.73
CA ALA A 18 14.32 8.89 35.15
C ALA A 18 15.79 8.71 35.52
N VAL A 19 16.53 7.97 34.68
CA VAL A 19 17.96 7.79 34.92
C VAL A 19 18.68 9.13 34.88
N PHE A 20 18.29 10.00 33.95
CA PHE A 20 18.95 11.29 33.87
C PHE A 20 18.71 12.13 35.12
N LEU A 21 17.46 12.16 35.61
CA LEU A 21 17.17 12.89 36.82
C LEU A 21 17.96 12.32 38.00
N THR A 22 18.08 10.99 38.06
CA THR A 22 18.78 10.36 39.17
C THR A 22 20.27 10.70 39.09
N MET A 23 20.80 10.75 37.88
CA MET A 23 22.19 11.12 37.66
C MET A 23 22.45 12.57 38.05
N MET A 24 21.53 13.49 37.75
CA MET A 24 21.71 14.87 38.17
C MET A 24 21.77 14.96 39.68
N ALA A 25 20.89 14.22 40.37
CA ALA A 25 20.89 14.24 41.83
C ALA A 25 22.18 13.67 42.39
N ALA A 26 22.67 12.58 41.80
CA ALA A 26 23.90 11.97 42.26
C ALA A 26 25.06 12.93 42.08
N PHE A 27 25.08 13.64 40.96
CA PHE A 27 26.14 14.60 40.73
C PHE A 27 26.12 15.71 41.76
N GLN A 28 24.93 16.23 42.08
CA GLN A 28 24.83 17.27 43.08
C GLN A 28 25.28 16.77 44.45
N ASN A 29 24.97 15.51 44.75
CA ASN A 29 25.30 14.93 46.06
C ASN A 29 26.74 14.47 46.13
N GLY A 30 27.48 14.57 45.04
CA GLY A 30 28.88 14.19 45.08
C GLY A 30 29.11 12.71 45.00
N ASP A 31 28.21 11.97 44.37
CA ASP A 31 28.33 10.51 44.24
C ASP A 31 28.75 10.22 42.81
N LYS A 32 30.06 10.40 42.52
CA LYS A 32 30.52 10.26 41.14
C LYS A 32 30.56 8.82 40.69
N GLU A 33 30.75 7.88 41.61
CA GLU A 33 30.67 6.47 41.23
C GLU A 33 29.28 6.15 40.71
N ALA A 34 28.23 6.69 41.33
CA ALA A 34 26.89 6.46 40.82
C ALA A 34 26.71 7.17 39.48
N VAL A 35 27.24 8.39 39.35
CA VAL A 35 27.15 9.10 38.07
C VAL A 35 27.75 8.25 36.95
N ALA A 36 28.90 7.63 37.21
CA ALA A 36 29.53 6.79 36.20
C ALA A 36 28.62 5.64 35.79
N GLN A 37 27.94 5.02 36.75
CA GLN A 37 27.06 3.91 36.42
C GLN A 37 25.86 4.39 35.61
N TYR A 38 25.30 5.54 35.96
CA TYR A 38 24.17 6.06 35.19
C TYR A 38 24.58 6.47 33.78
N LEU A 39 25.78 7.04 33.62
CA LEU A 39 26.23 7.38 32.27
C LEU A 39 26.37 6.13 31.41
N ALA A 40 26.90 5.05 31.98
CA ALA A 40 26.97 3.78 31.27
C ALA A 40 25.58 3.27 30.90
N ARG A 41 24.60 3.41 31.81
CA ARG A 41 23.26 2.93 31.50
C ARG A 41 22.61 3.78 30.40
N GLY A 42 22.81 5.09 30.45
CA GLY A 42 22.27 5.95 29.41
C GLY A 42 22.74 5.55 28.04
N ALA A 43 23.93 4.96 27.95
CA ALA A 43 24.46 4.55 26.65
C ALA A 43 23.62 3.44 26.04
N SER A 44 23.33 2.38 26.82
CA SER A 44 22.48 1.31 26.30
C SER A 44 21.05 1.78 26.08
N LEU A 45 20.58 2.73 26.89
CA LEU A 45 19.25 3.26 26.64
C LEU A 45 19.20 4.01 25.30
N TYR A 46 20.29 4.70 24.95
CA TYR A 46 20.37 5.36 23.65
C TYR A 46 20.18 4.39 22.51
N THR A 47 20.90 3.27 22.55
CA THR A 47 20.79 2.28 21.49
C THR A 47 19.39 1.70 21.43
N ARG A 48 18.84 1.32 22.59
N ARG A 48 18.85 1.33 22.61
CA ARG A 48 17.49 0.77 22.58
CA ARG A 48 17.50 0.79 22.67
C ARG A 48 16.50 1.78 22.02
C ARG A 48 16.50 1.77 22.07
N HIS A 49 16.63 3.05 22.40
CA HIS A 49 15.66 4.02 21.92
C HIS A 49 15.81 4.23 20.42
N GLU A 50 17.05 4.27 19.94
CA GLU A 50 17.27 4.54 18.52
C GLU A 50 16.61 3.46 17.66
N GLU A 51 16.73 2.20 18.08
CA GLU A 51 16.08 1.11 17.37
C GLU A 51 14.57 1.33 17.28
N LEU A 52 13.94 1.66 18.41
CA LEU A 52 12.50 1.87 18.45
C LEU A 52 12.08 3.08 17.62
N LEU A 53 12.90 4.14 17.60
CA LEU A 53 12.57 5.29 16.77
C LEU A 53 12.61 4.93 15.30
N ASN A 54 13.62 4.18 14.87
N ASN A 54 13.58 4.13 14.87
CA ASN A 54 13.69 3.72 13.49
CA ASN A 54 13.66 3.78 13.46
C ASN A 54 12.44 2.93 13.15
C ASN A 54 12.55 2.81 13.06
N ARG A 55 12.13 1.92 13.96
CA ARG A 55 10.97 1.07 13.68
C ARG A 55 9.69 1.87 13.58
N LEU A 56 9.50 2.83 14.49
CA LEU A 56 8.30 3.65 14.47
C LEU A 56 8.26 4.52 13.22
N LEU A 57 9.38 5.15 12.86
CA LEU A 57 9.38 6.03 11.68
C LEU A 57 9.06 5.27 10.41
N GLN A 58 9.61 4.04 10.26
CA GLN A 58 9.27 3.22 9.10
C GLN A 58 7.76 2.96 9.03
N LYS A 59 7.14 2.66 10.16
CA LYS A 59 5.72 2.34 10.16
C LYS A 59 4.89 3.58 9.89
N LEU A 60 5.30 4.73 10.44
CA LEU A 60 4.56 5.96 10.18
C LEU A 60 4.67 6.38 8.73
N ARG A 61 5.83 6.16 8.11
CA ARG A 61 5.98 6.59 6.72
C ARG A 61 5.16 5.72 5.80
N ARG A 62 5.05 4.43 6.14
CA ARG A 62 4.27 3.54 5.30
C ARG A 62 2.78 3.85 5.39
N GLU A 63 2.29 4.19 6.58
CA GLU A 63 0.87 4.50 6.70
C GLU A 63 0.52 5.89 6.15
N GLY A 64 1.51 6.76 5.98
CA GLY A 64 1.28 8.10 5.43
C GLY A 64 0.50 9.04 6.32
N ASN A 65 0.85 9.10 7.60
CA ASN A 65 0.24 10.06 8.55
C ASN A 65 1.14 11.29 8.59
N LYS A 66 0.74 12.39 7.92
CA LYS A 66 1.67 13.50 7.64
C LYS A 66 2.04 14.26 8.91
N GLU A 67 1.05 14.55 9.77
CA GLU A 67 1.32 15.26 11.00
C GLU A 67 2.20 14.44 11.91
N ALA A 68 1.93 13.13 12.01
CA ALA A 68 2.77 12.30 12.86
C ALA A 68 4.17 12.16 12.29
N VAL A 69 4.31 12.06 10.97
CA VAL A 69 5.62 11.91 10.37
C VAL A 69 6.49 13.13 10.65
N THR A 70 5.92 14.34 10.53
CA THR A 70 6.76 15.53 10.69
C THR A 70 7.18 15.71 12.13
N LEU A 71 6.28 15.39 13.07
CA LEU A 71 6.63 15.44 14.49
C LEU A 71 7.68 14.41 14.83
N MET A 72 7.53 13.19 14.32
CA MET A 72 8.53 12.16 14.54
C MET A 72 9.87 12.56 13.93
N ASN A 73 9.85 13.25 12.79
CA ASN A 73 11.10 13.73 12.21
C ASN A 73 11.78 14.72 13.15
N GLU A 74 11.02 15.62 13.76
CA GLU A 74 11.63 16.55 14.69
C GLU A 74 12.16 15.82 15.93
N PHE A 75 11.40 14.85 16.44
CA PHE A 75 11.87 14.10 17.59
C PHE A 75 13.18 13.40 17.27
N THR A 76 13.25 12.74 16.11
N THR A 76 13.24 12.75 16.11
CA THR A 76 14.43 11.95 15.77
CA THR A 76 14.41 11.96 15.74
C THR A 76 15.61 12.85 15.42
C THR A 76 15.60 12.85 15.43
N ALA A 77 15.35 13.98 14.76
CA ALA A 77 16.42 14.92 14.47
C ALA A 77 17.01 15.48 15.75
N THR A 78 16.15 15.77 16.74
CA THR A 78 16.64 16.26 18.03
C THR A 78 17.40 15.19 18.76
N PHE A 79 16.90 13.95 18.72
CA PHE A 79 17.58 12.82 19.34
C PHE A 79 18.97 12.64 18.74
N GLN A 80 19.09 12.73 17.42
CA GLN A 80 20.36 12.46 16.78
C GLN A 80 21.32 13.62 16.98
N THR A 81 20.83 14.86 16.81
CA THR A 81 21.71 16.02 16.97
C THR A 81 22.12 16.16 18.42
N GLY A 82 21.24 15.77 19.35
CA GLY A 82 21.55 15.86 20.77
C GLY A 82 22.66 14.94 21.22
N LYS A 83 23.00 13.94 20.40
CA LYS A 83 24.13 13.09 20.75
C LYS A 83 25.40 13.91 20.94
N SER A 84 25.53 15.03 20.24
N SER A 84 25.52 15.04 20.23
CA SER A 84 26.72 15.84 20.41
CA SER A 84 26.70 15.86 20.40
C SER A 84 26.83 16.36 21.85
C SER A 84 26.84 16.37 21.83
N LEU A 85 25.70 16.75 22.44
CA LEU A 85 25.73 17.18 23.84
C LEU A 85 26.09 16.03 24.76
N ALA A 86 25.54 14.84 24.48
CA ALA A 86 25.84 13.68 25.30
C ALA A 86 27.32 13.37 25.26
N ASN A 87 27.93 13.47 24.09
CA ASN A 87 29.36 13.19 23.99
C ASN A 87 30.17 14.21 24.77
N ALA A 88 29.74 15.46 24.75
CA ALA A 88 30.45 16.48 25.51
C ALA A 88 30.30 16.27 27.02
N LEU A 89 29.12 15.82 27.45
CA LEU A 89 28.89 15.46 28.84
C LEU A 89 29.85 14.37 29.27
N ILE A 90 29.97 13.33 28.44
CA ILE A 90 30.89 12.24 28.75
C ILE A 90 32.34 12.76 28.81
N ALA A 91 32.72 13.61 27.87
CA ALA A 91 34.07 14.15 27.90
C ALA A 91 34.33 14.90 29.20
N ALA A 92 33.36 15.69 29.66
CA ALA A 92 33.57 16.44 30.91
C ALA A 92 33.70 15.50 32.09
N PHE A 93 32.95 14.39 32.08
CA PHE A 93 33.10 13.38 33.12
C PHE A 93 34.52 12.79 33.12
N LYS A 94 35.01 12.41 31.94
CA LYS A 94 36.35 11.83 31.85
C LYS A 94 37.44 12.83 32.24
N ASN A 95 37.22 14.12 31.99
CA ASN A 95 38.20 15.15 32.31
C ASN A 95 38.10 15.63 33.75
N GLY A 96 37.12 15.16 34.51
CA GLY A 96 36.96 15.66 35.86
C GLY A 96 36.52 17.10 35.90
N ASP A 97 35.90 17.57 34.83
CA ASP A 97 35.49 18.97 34.70
C ASP A 97 34.04 19.05 35.15
N ASP A 98 33.83 19.24 36.44
CA ASP A 98 32.47 19.26 36.98
C ASP A 98 31.70 20.50 36.55
N ASP A 99 32.38 21.63 36.37
CA ASP A 99 31.65 22.80 35.90
C ASP A 99 31.07 22.56 34.50
N SER A 100 31.85 21.94 33.62
N SER A 100 31.86 21.95 33.62
CA SER A 100 31.32 21.64 32.29
CA SER A 100 31.37 21.61 32.28
C SER A 100 30.24 20.57 32.38
C SER A 100 30.27 20.55 32.36
N PHE A 101 30.46 19.55 33.22
CA PHE A 101 29.46 18.52 33.38
C PHE A 101 28.12 19.13 33.78
N GLU A 102 28.14 20.01 34.80
CA GLU A 102 26.93 20.68 35.25
C GLU A 102 26.26 21.43 34.10
N SER A 103 27.05 22.20 33.35
CA SER A 103 26.52 23.00 32.25
C SER A 103 25.82 22.12 31.22
N TYR A 104 26.43 21.00 30.86
CA TYR A 104 25.80 20.13 29.87
C TYR A 104 24.56 19.42 30.43
N LEU A 105 24.56 19.05 31.71
CA LEU A 105 23.35 18.46 32.30
C LEU A 105 22.17 19.41 32.14
N GLN A 106 22.40 20.69 32.40
CA GLN A 106 21.31 21.64 32.37
C GLN A 106 20.89 21.93 30.94
N ALA A 107 21.84 21.92 30.01
CA ALA A 107 21.50 22.16 28.61
C ALA A 107 20.77 20.95 28.03
N ILE A 108 21.24 19.74 28.35
CA ILE A 108 20.57 18.52 27.93
C ILE A 108 19.14 18.46 28.46
N TRP A 109 18.92 18.86 29.72
CA TRP A 109 17.57 18.81 30.26
C TRP A 109 16.62 19.69 29.46
N LYS A 110 17.11 20.83 28.97
CA LYS A 110 16.27 21.69 28.15
C LYS A 110 15.83 20.97 26.88
N VAL A 111 16.74 20.23 26.27
CA VAL A 111 16.42 19.45 25.09
C VAL A 111 15.44 18.31 25.41
N ILE A 112 15.68 17.59 26.52
CA ILE A 112 14.78 16.52 26.94
C ILE A 112 13.36 17.07 27.10
N ALA A 113 13.24 18.25 27.71
CA ALA A 113 11.93 18.85 27.92
C ALA A 113 11.23 19.12 26.60
N LYS A 114 11.98 19.65 25.62
CA LYS A 114 11.42 19.83 24.28
C LYS A 114 11.00 18.48 23.68
N MET A 115 11.83 17.46 23.81
CA MET A 115 11.49 16.17 23.24
C MET A 115 10.22 15.62 23.86
N ALA A 116 10.04 15.81 25.18
CA ALA A 116 8.84 15.33 25.84
C ALA A 116 7.60 16.04 25.33
N THR A 117 7.74 17.32 24.99
CA THR A 117 6.62 18.05 24.39
C THR A 117 6.27 17.47 23.03
N ILE A 118 7.26 17.22 22.19
CA ILE A 118 7.03 16.61 20.89
C ILE A 118 6.38 15.24 21.04
N LEU A 119 6.89 14.44 21.97
CA LEU A 119 6.36 13.09 22.14
C LEU A 119 4.88 13.13 22.47
N ASP A 120 4.48 14.07 23.33
CA ASP A 120 3.07 14.21 23.66
C ASP A 120 2.26 14.55 22.43
N GLN A 121 2.81 15.40 21.54
N GLN A 121 2.81 15.40 21.54
CA GLN A 121 2.11 15.73 20.31
CA GLN A 121 2.11 15.73 20.31
C GLN A 121 2.02 14.53 19.37
C GLN A 121 2.02 14.53 19.37
N ILE A 122 3.07 13.70 19.32
CA ILE A 122 3.02 12.49 18.50
C ILE A 122 1.89 11.60 18.98
N ALA A 123 1.76 11.44 20.29
CA ALA A 123 0.73 10.56 20.82
C ALA A 123 -0.65 11.04 20.41
N LYS A 124 -0.83 12.35 20.29
CA LYS A 124 -2.13 12.88 19.90
C LYS A 124 -2.36 12.84 18.40
N ALA A 125 -1.32 12.54 17.61
CA ALA A 125 -1.47 12.50 16.16
C ALA A 125 -1.52 11.09 15.59
N ILE A 126 -1.20 10.06 16.38
CA ILE A 126 -1.30 8.68 15.89
C ILE A 126 -2.71 8.12 16.01
N SER B 1 42.03 -18.65 -0.77
CA SER B 1 42.59 -18.51 0.58
C SER B 1 41.47 -18.06 1.53
N ILE B 2 41.71 -18.21 2.84
CA ILE B 2 40.78 -17.67 3.83
C ILE B 2 40.50 -16.20 3.56
N LYS B 3 41.55 -15.40 3.37
CA LYS B 3 41.33 -13.96 3.25
C LYS B 3 40.55 -13.62 1.98
N SER B 4 40.82 -14.31 0.88
N SER B 4 40.83 -14.31 0.88
CA SER B 4 40.10 -13.98 -0.36
CA SER B 4 40.13 -14.03 -0.37
C SER B 4 38.64 -14.43 -0.30
C SER B 4 38.65 -14.42 -0.27
N GLU B 5 38.37 -15.61 0.27
CA GLU B 5 36.99 -16.03 0.43
C GLU B 5 36.27 -15.09 1.38
N PHE B 6 36.93 -14.66 2.48
CA PHE B 6 36.28 -13.76 3.42
C PHE B 6 35.91 -12.43 2.76
N ALA B 7 36.84 -11.84 2.00
CA ALA B 7 36.55 -10.54 1.41
C ALA B 7 35.43 -10.63 0.38
N GLU B 8 35.41 -11.70 -0.40
CA GLU B 8 34.33 -11.89 -1.36
C GLU B 8 33.00 -12.08 -0.65
N GLY B 9 32.98 -12.81 0.45
CA GLY B 9 31.72 -12.98 1.17
C GLY B 9 31.29 -11.67 1.81
N ALA B 10 32.23 -10.90 2.32
CA ALA B 10 31.92 -9.59 2.87
C ALA B 10 31.29 -8.70 1.80
N ALA B 11 31.80 -8.72 0.57
CA ALA B 11 31.20 -7.91 -0.48
C ALA B 11 29.78 -8.37 -0.77
N VAL B 12 29.54 -9.68 -0.82
CA VAL B 12 28.18 -10.18 -1.07
C VAL B 12 27.26 -9.78 0.06
N PHE B 13 27.75 -9.82 1.30
CA PHE B 13 26.95 -9.35 2.44
C PHE B 13 26.63 -7.86 2.29
N VAL B 14 27.63 -7.05 1.90
CA VAL B 14 27.40 -5.63 1.66
C VAL B 14 26.32 -5.43 0.61
N GLU B 15 26.39 -6.20 -0.49
CA GLU B 15 25.39 -6.06 -1.55
C GLU B 15 24.01 -6.43 -1.03
N GLY B 16 23.93 -7.52 -0.27
CA GLY B 16 22.64 -7.95 0.27
C GLY B 16 22.04 -6.95 1.24
N VAL B 17 22.86 -6.41 2.14
CA VAL B 17 22.38 -5.39 3.06
C VAL B 17 21.87 -4.19 2.29
N ALA B 18 22.60 -3.76 1.26
CA ALA B 18 22.16 -2.58 0.51
C ALA B 18 20.85 -2.86 -0.23
N VAL B 19 20.70 -4.04 -0.81
CA VAL B 19 19.43 -4.38 -1.45
C VAL B 19 18.30 -4.40 -0.41
N PHE B 20 18.59 -4.93 0.78
CA PHE B 20 17.54 -5.04 1.79
C PHE B 20 17.08 -3.67 2.25
N LEU B 21 18.03 -2.75 2.49
CA LEU B 21 17.67 -1.39 2.87
C LEU B 21 16.86 -0.70 1.77
N THR B 22 17.26 -0.90 0.53
CA THR B 22 16.54 -0.30 -0.59
C THR B 22 15.13 -0.86 -0.67
N MET B 23 15.00 -2.15 -0.38
CA MET B 23 13.70 -2.79 -0.39
C MET B 23 12.82 -2.25 0.72
N MET B 24 13.39 -2.04 1.91
CA MET B 24 12.60 -1.45 2.99
C MET B 24 12.06 -0.10 2.57
N ALA B 25 12.92 0.72 1.94
CA ALA B 25 12.47 2.04 1.50
C ALA B 25 11.38 1.94 0.45
N ALA B 26 11.52 1.02 -0.50
CA ALA B 26 10.53 0.84 -1.54
C ALA B 26 9.20 0.41 -0.96
N PHE B 27 9.24 -0.49 0.03
CA PHE B 27 8.01 -0.91 0.70
C PHE B 27 7.34 0.28 1.37
N GLN B 28 8.12 1.11 2.07
CA GLN B 28 7.56 2.27 2.75
C GLN B 28 6.92 3.22 1.75
N ASN B 29 7.50 3.35 0.57
CA ASN B 29 7.04 4.23 -0.48
C ASN B 29 5.91 3.65 -1.31
N GLY B 30 5.54 2.39 -1.07
CA GLY B 30 4.48 1.76 -1.81
C GLY B 30 4.86 1.29 -3.20
N ASP B 31 6.14 1.07 -3.46
CA ASP B 31 6.63 0.68 -4.79
C ASP B 31 6.86 -0.82 -4.81
N LYS B 32 5.75 -1.58 -4.96
CA LYS B 32 5.83 -3.04 -4.99
C LYS B 32 6.50 -3.56 -6.25
N GLU B 33 6.49 -2.78 -7.35
CA GLU B 33 7.26 -3.20 -8.51
C GLU B 33 8.72 -3.35 -8.12
N ALA B 34 9.26 -2.38 -7.39
CA ALA B 34 10.64 -2.43 -6.95
C ALA B 34 10.86 -3.51 -5.90
N VAL B 35 9.94 -3.63 -4.95
CA VAL B 35 10.05 -4.66 -3.92
C VAL B 35 10.18 -6.04 -4.56
N ALA B 36 9.35 -6.31 -5.58
CA ALA B 36 9.39 -7.64 -6.20
C ALA B 36 10.74 -7.90 -6.85
N GLN B 37 11.33 -6.91 -7.52
CA GLN B 37 12.66 -7.07 -8.09
C GLN B 37 13.71 -7.34 -7.02
N TYR B 38 13.62 -6.62 -5.90
CA TYR B 38 14.62 -6.85 -4.85
C TYR B 38 14.46 -8.23 -4.21
N LEU B 39 13.22 -8.70 -4.05
CA LEU B 39 13.02 -10.04 -3.49
C LEU B 39 13.62 -11.12 -4.38
N ALA B 40 13.42 -10.99 -5.69
CA ALA B 40 14.04 -11.91 -6.63
C ALA B 40 15.57 -11.82 -6.58
N ARG B 41 16.11 -10.62 -6.50
CA ARG B 41 17.57 -10.51 -6.43
C ARG B 41 18.10 -11.08 -5.11
N GLY B 42 17.40 -10.83 -4.01
CA GLY B 42 17.84 -11.36 -2.73
C GLY B 42 18.04 -12.86 -2.76
N ALA B 43 17.21 -13.57 -3.52
CA ALA B 43 17.33 -15.03 -3.58
C ALA B 43 18.59 -15.49 -4.30
N SER B 44 18.98 -14.82 -5.41
CA SER B 44 20.26 -15.18 -6.04
C SER B 44 21.44 -14.76 -5.17
N LEU B 45 21.28 -13.68 -4.41
CA LEU B 45 22.32 -13.32 -3.46
C LEU B 45 22.47 -14.38 -2.36
N TYR B 46 21.36 -14.99 -1.96
CA TYR B 46 21.43 -16.07 -0.97
C TYR B 46 22.26 -17.24 -1.47
N THR B 47 22.01 -17.67 -2.72
N THR B 47 22.04 -17.66 -2.72
CA THR B 47 22.75 -18.77 -3.32
CA THR B 47 22.77 -18.80 -3.26
C THR B 47 24.22 -18.43 -3.44
C THR B 47 24.25 -18.47 -3.46
N ARG B 48 24.53 -17.19 -3.84
N ARG B 48 24.54 -17.25 -3.90
CA ARG B 48 25.90 -16.80 -4.02
CA ARG B 48 25.93 -16.84 -4.01
C ARG B 48 26.62 -16.74 -2.67
C ARG B 48 26.59 -16.84 -2.64
N HIS B 49 25.95 -16.21 -1.65
CA HIS B 49 26.55 -16.12 -0.33
C HIS B 49 26.76 -17.52 0.24
N GLU B 50 25.78 -18.41 0.06
CA GLU B 50 25.91 -19.75 0.63
C GLU B 50 27.12 -20.46 0.08
N GLU B 51 27.38 -20.32 -1.23
CA GLU B 51 28.57 -20.94 -1.81
C GLU B 51 29.83 -20.38 -1.15
N LEU B 52 29.91 -19.07 -0.99
CA LEU B 52 31.09 -18.48 -0.37
C LEU B 52 31.24 -18.90 1.09
N LEU B 53 30.13 -18.98 1.81
CA LEU B 53 30.19 -19.43 3.20
C LEU B 53 30.72 -20.85 3.29
N ASN B 54 30.25 -21.74 2.41
CA ASN B 54 30.73 -23.12 2.41
C ASN B 54 32.22 -23.17 2.13
N ARG B 55 32.68 -22.37 1.18
CA ARG B 55 34.10 -22.39 0.83
C ARG B 55 34.94 -21.90 2.00
N LEU B 56 34.47 -20.85 2.68
CA LEU B 56 35.24 -20.27 3.76
C LEU B 56 35.24 -21.19 4.97
N LEU B 57 34.10 -21.80 5.28
CA LEU B 57 34.03 -22.73 6.40
C LEU B 57 35.03 -23.88 6.22
N GLN B 58 35.07 -24.47 5.02
CA GLN B 58 36.04 -25.52 4.74
C GLN B 58 37.48 -25.03 4.97
N LYS B 59 37.79 -23.81 4.50
CA LYS B 59 39.15 -23.30 4.66
C LYS B 59 39.48 -23.03 6.14
N LEU B 60 38.52 -22.48 6.90
CA LEU B 60 38.77 -22.24 8.32
C LEU B 60 38.91 -23.54 9.08
N ARG B 61 38.12 -24.57 8.72
CA ARG B 61 38.24 -25.84 9.44
C ARG B 61 39.62 -26.45 9.26
N ARG B 62 40.18 -26.30 8.06
CA ARG B 62 41.49 -26.87 7.81
C ARG B 62 42.59 -26.06 8.47
N GLU B 63 42.47 -24.72 8.44
CA GLU B 63 43.60 -23.85 8.75
C GLU B 63 43.30 -22.65 9.64
N GLY B 64 42.07 -22.45 10.08
CA GLY B 64 41.76 -21.32 10.95
C GLY B 64 41.94 -21.64 12.44
N ASN B 65 41.91 -20.60 13.26
CA ASN B 65 41.98 -20.81 14.70
C ASN B 65 40.57 -21.08 15.27
N LYS B 66 40.55 -21.49 16.54
CA LYS B 66 39.27 -21.91 17.13
C LYS B 66 38.29 -20.74 17.24
N GLU B 67 38.80 -19.52 17.39
CA GLU B 67 37.93 -18.37 17.50
C GLU B 67 37.23 -18.08 16.18
N ALA B 68 38.00 -18.09 15.09
CA ALA B 68 37.40 -17.86 13.79
C ALA B 68 36.40 -18.96 13.44
N VAL B 69 36.76 -20.20 13.73
CA VAL B 69 35.87 -21.31 13.44
C VAL B 69 34.53 -21.15 14.17
N THR B 70 34.55 -20.88 15.48
CA THR B 70 33.28 -20.80 16.20
C THR B 70 32.45 -19.58 15.77
N LEU B 71 33.11 -18.46 15.46
CA LEU B 71 32.39 -17.30 14.97
C LEU B 71 31.76 -17.57 13.59
N MET B 72 32.48 -18.27 12.73
CA MET B 72 31.93 -18.64 11.42
C MET B 72 30.77 -19.61 11.58
N ASN B 73 30.88 -20.54 12.52
CA ASN B 73 29.76 -21.42 12.80
C ASN B 73 28.52 -20.62 13.18
N GLU B 74 28.68 -19.61 14.02
CA GLU B 74 27.53 -18.81 14.41
C GLU B 74 26.97 -18.02 13.23
N PHE B 75 27.85 -17.44 12.42
CA PHE B 75 27.38 -16.72 11.25
C PHE B 75 26.59 -17.63 10.32
N THR B 76 27.13 -18.80 10.05
CA THR B 76 26.52 -19.73 9.12
C THR B 76 25.25 -20.30 9.70
N ALA B 77 25.24 -20.63 10.99
CA ALA B 77 24.00 -21.13 11.58
C ALA B 77 22.90 -20.08 11.54
N THR B 78 23.26 -18.82 11.72
CA THR B 78 22.28 -17.73 11.67
C THR B 78 21.78 -17.55 10.24
N PHE B 79 22.69 -17.58 9.27
CA PHE B 79 22.33 -17.53 7.86
C PHE B 79 21.33 -18.63 7.51
N GLN B 80 21.62 -19.88 7.93
CA GLN B 80 20.77 -21.00 7.56
C GLN B 80 19.43 -20.95 8.30
N THR B 81 19.45 -20.71 9.60
N THR B 81 19.46 -20.71 9.61
CA THR B 81 18.19 -20.67 10.33
CA THR B 81 18.21 -20.67 10.35
C THR B 81 17.35 -19.47 9.92
C THR B 81 17.37 -19.49 9.92
N GLY B 82 18.01 -18.37 9.56
CA GLY B 82 17.33 -17.16 9.13
C GLY B 82 16.59 -17.32 7.80
N LYS B 83 16.90 -18.34 7.03
CA LYS B 83 16.12 -18.62 5.83
C LYS B 83 14.63 -18.77 6.13
N SER B 84 14.29 -19.25 7.34
N SER B 84 14.29 -19.24 7.34
CA SER B 84 12.89 -19.35 7.74
CA SER B 84 12.88 -19.35 7.71
C SER B 84 12.23 -17.98 7.70
C SER B 84 12.21 -17.99 7.73
N LEU B 85 12.93 -16.94 8.15
CA LEU B 85 12.36 -15.60 8.15
C LEU B 85 12.23 -15.06 6.73
N ALA B 86 13.23 -15.35 5.89
CA ALA B 86 13.17 -14.89 4.51
C ALA B 86 12.03 -15.58 3.75
N ASN B 87 11.77 -16.86 4.05
CA ASN B 87 10.66 -17.54 3.39
C ASN B 87 9.33 -16.94 3.82
N ALA B 88 9.21 -16.57 5.09
CA ALA B 88 7.99 -15.94 5.57
C ALA B 88 7.80 -14.57 4.93
N LEU B 89 8.89 -13.82 4.79
CA LEU B 89 8.85 -12.52 4.12
C LEU B 89 8.33 -12.67 2.69
N ILE B 90 8.90 -13.60 1.93
CA ILE B 90 8.46 -13.82 0.57
C ILE B 90 7.00 -14.22 0.53
N ALA B 91 6.58 -15.11 1.45
CA ALA B 91 5.19 -15.54 1.48
C ALA B 91 4.24 -14.37 1.75
N ALA B 92 4.64 -13.44 2.60
CA ALA B 92 3.79 -12.30 2.91
C ALA B 92 3.68 -11.35 1.72
N PHE B 93 4.74 -11.27 0.91
CA PHE B 93 4.63 -10.51 -0.32
C PHE B 93 3.67 -11.18 -1.30
N LYS B 94 3.79 -12.50 -1.43
CA LYS B 94 2.99 -13.23 -2.43
C LYS B 94 1.51 -13.25 -2.08
N ASN B 95 1.14 -13.21 -0.82
CA ASN B 95 -0.27 -13.26 -0.46
C ASN B 95 -0.85 -11.93 -0.03
N GLY B 96 -0.07 -10.85 -0.09
CA GLY B 96 -0.59 -9.53 0.19
C GLY B 96 -0.69 -9.16 1.65
N ASP B 97 -0.02 -9.87 2.53
CA ASP B 97 -0.06 -9.57 3.97
C ASP B 97 1.00 -8.51 4.27
N ASP B 98 0.63 -7.24 4.04
CA ASP B 98 1.60 -6.17 4.17
C ASP B 98 2.02 -5.97 5.62
N ASP B 99 1.11 -6.19 6.56
CA ASP B 99 1.48 -6.06 7.97
C ASP B 99 2.52 -7.11 8.36
N SER B 100 2.34 -8.37 7.93
N SER B 100 2.33 -8.36 7.90
CA SER B 100 3.38 -9.37 8.15
CA SER B 100 3.34 -9.40 8.09
C SER B 100 4.67 -9.00 7.41
C SER B 100 4.65 -9.05 7.39
N PHE B 101 4.57 -8.51 6.17
CA PHE B 101 5.79 -8.17 5.45
C PHE B 101 6.59 -7.15 6.24
N GLU B 102 5.94 -6.08 6.70
CA GLU B 102 6.62 -5.07 7.49
C GLU B 102 7.26 -5.67 8.73
N SER B 103 6.51 -6.51 9.44
N SER B 103 6.52 -6.54 9.44
CA SER B 103 7.03 -7.10 10.66
CA SER B 103 7.04 -7.10 10.68
C SER B 103 8.27 -7.94 10.38
C SER B 103 8.25 -7.99 10.41
N TYR B 104 8.25 -8.73 9.30
CA TYR B 104 9.41 -9.56 9.00
C TYR B 104 10.57 -8.73 8.49
N LEU B 105 10.33 -7.63 7.75
CA LEU B 105 11.43 -6.74 7.41
C LEU B 105 12.18 -6.31 8.66
N GLN B 106 11.45 -5.86 9.68
CA GLN B 106 12.07 -5.30 10.86
C GLN B 106 12.77 -6.38 11.69
N ALA B 107 12.18 -7.56 11.75
CA ALA B 107 12.77 -8.67 12.49
C ALA B 107 14.03 -9.17 11.81
N ILE B 108 14.01 -9.27 10.47
CA ILE B 108 15.18 -9.67 9.69
C ILE B 108 16.31 -8.68 9.86
N TRP B 109 15.99 -7.39 9.93
CA TRP B 109 17.05 -6.40 10.10
C TRP B 109 17.81 -6.63 11.40
N LYS B 110 17.11 -7.00 12.47
CA LYS B 110 17.78 -7.30 13.72
C LYS B 110 18.77 -8.45 13.56
N VAL B 111 18.39 -9.47 12.79
CA VAL B 111 19.29 -10.59 12.52
C VAL B 111 20.47 -10.14 11.65
N ILE B 112 20.21 -9.33 10.62
CA ILE B 112 21.31 -8.81 9.79
C ILE B 112 22.30 -8.03 10.64
N ALA B 113 21.80 -7.20 11.54
CA ALA B 113 22.70 -6.41 12.38
C ALA B 113 23.57 -7.31 13.26
N LYS B 114 22.98 -8.40 13.77
CA LYS B 114 23.79 -9.36 14.54
C LYS B 114 24.82 -10.05 13.65
N MET B 115 24.44 -10.39 12.41
CA MET B 115 25.40 -11.02 11.51
C MET B 115 26.55 -10.07 11.19
N ALA B 116 26.26 -8.78 11.04
CA ALA B 116 27.33 -7.83 10.77
C ALA B 116 28.33 -7.76 11.91
N THR B 117 27.86 -7.81 13.16
CA THR B 117 28.78 -7.78 14.29
C THR B 117 29.64 -9.03 14.32
N ILE B 118 29.06 -10.19 14.00
CA ILE B 118 29.86 -11.41 13.90
C ILE B 118 30.89 -11.31 12.79
N LEU B 119 30.50 -10.78 11.65
CA LEU B 119 31.42 -10.67 10.52
C LEU B 119 32.61 -9.80 10.89
N ASP B 120 32.36 -8.70 11.61
CA ASP B 120 33.45 -7.86 12.08
C ASP B 120 34.39 -8.61 13.02
N GLN B 121 33.86 -9.47 13.89
N GLN B 121 33.85 -9.47 13.90
CA GLN B 121 34.70 -10.25 14.78
CA GLN B 121 34.71 -10.25 14.79
C GLN B 121 35.50 -11.32 14.02
C GLN B 121 35.51 -11.31 14.02
N ILE B 122 34.90 -11.93 13.00
CA ILE B 122 35.65 -12.88 12.18
C ILE B 122 36.84 -12.19 11.51
N ALA B 123 36.61 -10.99 10.98
CA ALA B 123 37.67 -10.24 10.33
C ALA B 123 38.86 -10.02 11.24
N LYS B 124 38.63 -9.87 12.53
CA LYS B 124 39.73 -9.65 13.46
C LYS B 124 40.33 -10.95 13.98
N ALA B 125 39.73 -12.11 13.69
CA ALA B 125 40.27 -13.40 14.07
C ALA B 125 41.06 -14.10 12.97
N ILE B 126 41.06 -13.57 11.74
CA ILE B 126 41.75 -14.21 10.61
C ILE B 126 42.99 -13.43 10.21
N SER C 1 -4.10 7.04 -11.61
CA SER C 1 -3.54 7.20 -10.25
C SER C 1 -4.65 7.68 -9.32
N ILE C 2 -4.44 7.55 -8.01
CA ILE C 2 -5.37 8.11 -7.04
C ILE C 2 -5.64 9.58 -7.33
N LYS C 3 -4.58 10.35 -7.54
CA LYS C 3 -4.75 11.79 -7.69
C LYS C 3 -5.53 12.14 -8.94
N SER C 4 -5.31 11.43 -10.05
N SER C 4 -5.28 11.45 -10.05
CA SER C 4 -6.03 11.77 -11.27
CA SER C 4 -6.01 11.74 -11.28
C SER C 4 -7.50 11.34 -11.20
C SER C 4 -7.49 11.36 -11.15
N GLU C 5 -7.77 10.18 -10.60
CA GLU C 5 -9.17 9.78 -10.42
C GLU C 5 -9.87 10.72 -9.45
N PHE C 6 -9.18 11.14 -8.40
CA PHE C 6 -9.79 12.03 -7.43
C PHE C 6 -10.18 13.36 -8.07
N ALA C 7 -9.26 13.95 -8.83
CA ALA C 7 -9.55 15.22 -9.48
C ALA C 7 -10.69 15.10 -10.47
N GLU C 8 -10.72 14.00 -11.24
CA GLU C 8 -11.80 13.81 -12.20
C GLU C 8 -13.14 13.65 -11.49
N GLY C 9 -13.16 12.88 -10.40
CA GLY C 9 -14.41 12.72 -9.67
C GLY C 9 -14.84 14.03 -9.03
N ALA C 10 -13.88 14.78 -8.49
CA ALA C 10 -14.21 16.08 -7.91
C ALA C 10 -14.82 17.00 -8.94
N ALA C 11 -14.33 16.96 -10.19
CA ALA C 11 -14.92 17.84 -11.19
C ALA C 11 -16.33 17.37 -11.58
N VAL C 12 -16.56 16.06 -11.65
CA VAL C 12 -17.93 15.59 -11.87
C VAL C 12 -18.84 16.03 -10.74
N PHE C 13 -18.35 15.93 -9.49
CA PHE C 13 -19.12 16.41 -8.34
C PHE C 13 -19.48 17.88 -8.48
N VAL C 14 -18.50 18.72 -8.85
CA VAL C 14 -18.75 20.14 -9.08
C VAL C 14 -19.80 20.34 -10.15
N GLU C 15 -19.70 19.59 -11.24
CA GLU C 15 -20.69 19.70 -12.32
C GLU C 15 -22.08 19.33 -11.82
N GLY C 16 -22.19 18.25 -11.04
CA GLY C 16 -23.49 17.84 -10.55
C GLY C 16 -24.09 18.83 -9.56
N VAL C 17 -23.24 19.37 -8.67
CA VAL C 17 -23.72 20.39 -7.75
C VAL C 17 -24.21 21.61 -8.51
N ALA C 18 -23.46 22.04 -9.52
CA ALA C 18 -23.87 23.21 -10.31
C ALA C 18 -25.22 22.97 -11.00
N VAL C 19 -25.39 21.80 -11.62
CA VAL C 19 -26.67 21.44 -12.22
C VAL C 19 -27.78 21.42 -11.17
N PHE C 20 -27.49 20.89 -9.99
CA PHE C 20 -28.52 20.80 -8.96
C PHE C 20 -28.94 22.18 -8.53
N LEU C 21 -27.98 23.10 -8.32
CA LEU C 21 -28.30 24.46 -7.94
C LEU C 21 -29.12 25.15 -9.02
N THR C 22 -28.77 24.92 -10.29
CA THR C 22 -29.48 25.51 -11.42
C THR C 22 -30.91 24.98 -11.46
N MET C 23 -31.07 23.69 -11.19
CA MET C 23 -32.39 23.07 -11.14
C MET C 23 -33.24 23.64 -10.01
N MET C 24 -32.66 23.85 -8.84
CA MET C 24 -33.42 24.47 -7.76
C MET C 24 -33.92 25.85 -8.15
N ALA C 25 -33.07 26.63 -8.80
CA ALA C 25 -33.48 27.97 -9.23
C ALA C 25 -34.57 27.88 -10.28
N ALA C 26 -34.43 26.98 -11.25
CA ALA C 26 -35.45 26.79 -12.27
C ALA C 26 -36.79 26.39 -11.66
N PHE C 27 -36.76 25.52 -10.64
CA PHE C 27 -37.98 25.10 -9.97
C PHE C 27 -38.64 26.25 -9.24
N GLN C 28 -37.86 27.09 -8.55
CA GLN C 28 -38.43 28.24 -7.89
C GLN C 28 -39.03 29.22 -8.89
N ASN C 29 -38.44 29.32 -10.09
CA ASN C 29 -38.90 30.24 -11.11
C ASN C 29 -40.06 29.68 -11.93
N GLY C 30 -40.44 28.43 -11.70
CA GLY C 30 -41.53 27.82 -12.43
C GLY C 30 -41.18 27.32 -13.80
N ASP C 31 -39.89 27.18 -14.11
CA ASP C 31 -39.40 26.71 -15.41
C ASP C 31 -39.26 25.20 -15.35
N LYS C 32 -40.41 24.50 -15.43
CA LYS C 32 -40.38 23.04 -15.32
C LYS C 32 -39.76 22.39 -16.54
N GLU C 33 -39.80 23.03 -17.71
CA GLU C 33 -39.06 22.52 -18.87
C GLU C 33 -37.57 22.42 -18.56
N ALA C 34 -37.01 23.43 -17.91
CA ALA C 34 -35.61 23.35 -17.53
C ALA C 34 -35.40 22.27 -16.47
N VAL C 35 -36.29 22.22 -15.48
CA VAL C 35 -36.16 21.19 -14.43
C VAL C 35 -36.06 19.81 -15.06
N ALA C 36 -36.95 19.52 -16.04
CA ALA C 36 -36.94 18.21 -16.67
C ALA C 36 -35.60 17.93 -17.34
N GLN C 37 -35.04 18.91 -18.05
CA GLN C 37 -33.74 18.73 -18.67
C GLN C 37 -32.66 18.47 -17.63
N TYR C 38 -32.68 19.20 -16.51
CA TYR C 38 -31.63 19.01 -15.51
C TYR C 38 -31.75 17.63 -14.84
N LEU C 39 -32.97 17.15 -14.61
CA LEU C 39 -33.13 15.80 -14.06
C LEU C 39 -32.58 14.74 -15.00
N ALA C 40 -32.84 14.89 -16.31
CA ALA C 40 -32.25 13.96 -17.27
C ALA C 40 -30.72 14.03 -17.26
N ARG C 41 -30.14 15.23 -17.14
CA ARG C 41 -28.69 15.32 -17.14
C ARG C 41 -28.12 14.76 -15.84
N GLY C 42 -28.80 15.01 -14.72
CA GLY C 42 -28.36 14.47 -13.45
C GLY C 42 -28.19 12.98 -13.49
N ALA C 43 -29.08 12.29 -14.21
CA ALA C 43 -28.98 10.83 -14.26
C ALA C 43 -27.73 10.39 -15.00
N SER C 44 -27.36 11.11 -16.06
CA SER C 44 -26.11 10.82 -16.75
C SER C 44 -24.90 11.13 -15.86
N LEU C 45 -24.95 12.25 -15.15
CA LEU C 45 -23.87 12.56 -14.22
C LEU C 45 -23.73 11.47 -13.17
N TYR C 46 -24.84 10.86 -12.78
CA TYR C 46 -24.80 9.76 -11.82
C TYR C 46 -23.96 8.60 -12.32
N THR C 47 -24.20 8.15 -13.54
N THR C 47 -24.21 8.14 -13.53
CA THR C 47 -23.43 7.04 -14.08
CA THR C 47 -23.43 7.02 -14.05
C THR C 47 -21.97 7.42 -14.22
C THR C 47 -21.97 7.39 -14.22
N ARG C 48 -21.69 8.65 -14.65
N ARG C 48 -21.69 8.60 -14.69
CA ARG C 48 -20.32 9.07 -14.81
CA ARG C 48 -20.30 9.02 -14.81
C ARG C 48 -19.60 9.10 -13.47
C ARG C 48 -19.63 9.01 -13.45
N HIS C 49 -20.27 9.61 -12.44
CA HIS C 49 -19.64 9.72 -11.14
C HIS C 49 -19.43 8.33 -10.53
N GLU C 50 -20.40 7.43 -10.68
CA GLU C 50 -20.25 6.11 -10.11
C GLU C 50 -19.03 5.40 -10.70
N GLU C 51 -18.84 5.49 -12.02
CA GLU C 51 -17.67 4.90 -12.65
C GLU C 51 -16.39 5.41 -12.01
N LEU C 52 -16.30 6.74 -11.81
CA LEU C 52 -15.10 7.33 -11.21
C LEU C 52 -14.94 6.95 -9.75
N LEU C 53 -16.03 6.84 -9.00
CA LEU C 53 -15.94 6.41 -7.61
C LEU C 53 -15.41 4.98 -7.52
N ASN C 54 -15.91 4.08 -8.38
CA ASN C 54 -15.41 2.71 -8.39
C ASN C 54 -13.92 2.67 -8.67
N ARG C 55 -13.48 3.44 -9.66
CA ARG C 55 -12.07 3.44 -10.02
C ARG C 55 -11.24 3.96 -8.86
N LEU C 56 -11.72 5.00 -8.20
CA LEU C 56 -10.96 5.59 -7.10
C LEU C 56 -10.95 4.65 -5.89
N LEU C 57 -12.10 4.04 -5.58
CA LEU C 57 -12.13 3.12 -4.43
C LEU C 57 -11.16 1.96 -4.63
N GLN C 58 -11.11 1.39 -5.84
CA GLN C 58 -10.14 0.33 -6.11
C GLN C 58 -8.70 0.81 -5.86
N LYS C 59 -8.38 2.02 -6.31
CA LYS C 59 -7.01 2.50 -6.18
C LYS C 59 -6.67 2.79 -4.74
N LEU C 60 -7.62 3.36 -3.98
CA LEU C 60 -7.38 3.62 -2.55
C LEU C 60 -7.31 2.33 -1.75
N ARG C 61 -8.10 1.32 -2.10
CA ARG C 61 -8.00 0.07 -1.37
C ARG C 61 -6.64 -0.58 -1.55
N ARG C 62 -6.06 -0.45 -2.74
CA ARG C 62 -4.76 -1.07 -2.97
C ARG C 62 -3.65 -0.29 -2.28
N GLU C 63 -3.70 1.05 -2.35
CA GLU C 63 -2.59 1.90 -1.98
C GLU C 63 -2.90 3.09 -1.08
N GLY C 64 -4.14 3.26 -0.64
CA GLY C 64 -4.48 4.38 0.21
C GLY C 64 -4.29 4.07 1.69
N ASN C 65 -4.19 5.10 2.50
CA ASN C 65 -4.10 4.82 3.93
C ASN C 65 -5.50 4.64 4.52
N LYS C 66 -5.52 4.17 5.78
CA LYS C 66 -6.78 3.79 6.40
C LYS C 66 -7.75 4.95 6.46
N GLU C 67 -7.25 6.17 6.68
CA GLU C 67 -8.11 7.33 6.77
C GLU C 67 -8.78 7.62 5.43
N ALA C 68 -8.01 7.63 4.33
CA ALA C 68 -8.62 7.91 3.03
C ALA C 68 -9.61 6.84 2.66
N VAL C 69 -9.29 5.59 2.95
CA VAL C 69 -10.19 4.50 2.63
C VAL C 69 -11.53 4.66 3.34
N THR C 70 -11.51 4.93 4.65
CA THR C 70 -12.78 4.98 5.38
C THR C 70 -13.59 6.20 4.97
N LEU C 71 -12.93 7.33 4.70
CA LEU C 71 -13.63 8.51 4.21
C LEU C 71 -14.24 8.24 2.84
N MET C 72 -13.52 7.54 1.98
CA MET C 72 -14.06 7.19 0.68
C MET C 72 -15.23 6.23 0.81
N ASN C 73 -15.13 5.27 1.73
CA ASN C 73 -16.29 4.40 1.98
C ASN C 73 -17.50 5.24 2.38
N GLU C 74 -17.30 6.25 3.22
CA GLU C 74 -18.45 7.06 3.64
C GLU C 74 -19.05 7.83 2.46
N PHE C 75 -18.20 8.46 1.66
CA PHE C 75 -18.69 9.16 0.48
C PHE C 75 -19.45 8.22 -0.44
N THR C 76 -18.91 7.03 -0.70
N THR C 76 -18.87 7.06 -0.70
CA THR C 76 -19.55 6.14 -1.64
CA THR C 76 -19.49 6.11 -1.61
C THR C 76 -20.80 5.48 -1.06
C THR C 76 -20.80 5.59 -1.04
N ALA C 77 -20.82 5.22 0.24
CA ALA C 77 -22.04 4.71 0.85
C ALA C 77 -23.15 5.76 0.80
N THR C 78 -22.78 7.01 0.99
CA THR C 78 -23.78 8.09 0.94
C THR C 78 -24.28 8.28 -0.48
N PHE C 79 -23.37 8.22 -1.44
CA PHE C 79 -23.71 8.30 -2.85
C PHE C 79 -24.70 7.21 -3.24
N GLN C 80 -24.45 5.97 -2.82
CA GLN C 80 -25.30 4.85 -3.20
C GLN C 80 -26.64 4.91 -2.48
N THR C 81 -26.61 5.17 -1.18
N THR C 81 -26.62 5.16 -1.17
CA THR C 81 -27.85 5.21 -0.40
CA THR C 81 -27.86 5.21 -0.41
C THR C 81 -28.69 6.42 -0.79
C THR C 81 -28.70 6.40 -0.84
N GLY C 82 -28.05 7.52 -1.15
CA GLY C 82 -28.74 8.71 -1.60
C GLY C 82 -29.47 8.52 -2.92
N LYS C 83 -29.18 7.46 -3.67
CA LYS C 83 -29.95 7.20 -4.88
C LYS C 83 -31.43 7.06 -4.56
N SER C 84 -31.75 6.61 -3.34
N SER C 84 -31.76 6.59 -3.36
CA SER C 84 -33.16 6.51 -2.96
CA SER C 84 -33.17 6.51 -2.98
C SER C 84 -33.83 7.87 -2.93
C SER C 84 -33.81 7.88 -2.99
N LEU C 85 -33.12 8.89 -2.46
CA LEU C 85 -33.66 10.24 -2.48
C LEU C 85 -33.76 10.76 -3.90
N ALA C 86 -32.78 10.44 -4.76
CA ALA C 86 -32.84 10.88 -6.14
C ALA C 86 -34.03 10.25 -6.85
N ASN C 87 -34.31 8.97 -6.57
CA ASN C 87 -35.45 8.32 -7.20
C ASN C 87 -36.76 8.94 -6.73
N ALA C 88 -36.84 9.29 -5.45
CA ALA C 88 -38.03 9.96 -4.92
C ALA C 88 -38.22 11.33 -5.55
N LEU C 89 -37.11 12.07 -5.73
CA LEU C 89 -37.16 13.36 -6.41
C LEU C 89 -37.75 13.19 -7.82
N ILE C 90 -37.26 12.22 -8.58
CA ILE C 90 -37.74 12.03 -9.94
C ILE C 90 -39.21 11.62 -9.95
N ALA C 91 -39.62 10.77 -9.00
CA ALA C 91 -41.02 10.37 -8.91
C ALA C 91 -41.92 11.58 -8.65
N ALA C 92 -41.50 12.47 -7.76
CA ALA C 92 -42.28 13.66 -7.45
C ALA C 92 -42.44 14.56 -8.66
N PHE C 93 -41.39 14.68 -9.49
CA PHE C 93 -41.52 15.45 -10.71
C PHE C 93 -42.49 14.77 -11.67
N LYS C 94 -42.32 13.47 -11.87
CA LYS C 94 -43.21 12.74 -12.78
C LYS C 94 -44.67 12.85 -12.35
N ASN C 95 -44.93 12.76 -11.05
CA ASN C 95 -46.27 12.87 -10.51
C ASN C 95 -46.81 14.31 -10.41
N GLY C 96 -46.02 15.32 -10.72
CA GLY C 96 -46.47 16.68 -10.53
C GLY C 96 -46.61 17.10 -9.09
N ASP C 97 -45.97 16.41 -8.17
CA ASP C 97 -46.08 16.71 -6.73
C ASP C 97 -44.98 17.70 -6.38
N ASP C 98 -45.27 18.98 -6.63
CA ASP C 98 -44.25 20.01 -6.44
C ASP C 98 -43.86 20.15 -4.97
N ASP C 99 -44.80 19.95 -4.05
CA ASP C 99 -44.43 20.06 -2.64
C ASP C 99 -43.42 19.00 -2.22
N SER C 100 -43.63 17.76 -2.66
CA SER C 100 -42.65 16.71 -2.43
C SER C 100 -41.34 16.99 -3.16
N PHE C 101 -41.40 17.47 -4.39
CA PHE C 101 -40.17 17.80 -5.11
C PHE C 101 -39.34 18.83 -4.34
N GLU C 102 -39.98 19.93 -3.90
CA GLU C 102 -39.29 20.93 -3.11
C GLU C 102 -38.66 20.32 -1.87
N SER C 103 -39.41 19.46 -1.17
CA SER C 103 -38.92 18.88 0.07
C SER C 103 -37.70 17.99 -0.18
N TYR C 104 -37.74 17.20 -1.26
CA TYR C 104 -36.57 16.38 -1.59
C TYR C 104 -35.40 17.22 -2.07
N LEU C 105 -35.66 18.30 -2.80
CA LEU C 105 -34.56 19.17 -3.20
C LEU C 105 -33.79 19.63 -1.97
N GLN C 106 -34.52 20.07 -0.95
CA GLN C 106 -33.88 20.66 0.21
C GLN C 106 -33.19 19.60 1.06
N ALA C 107 -33.79 18.43 1.18
CA ALA C 107 -33.17 17.36 1.96
C ALA C 107 -31.95 16.80 1.25
N ILE C 108 -32.02 16.67 -0.08
CA ILE C 108 -30.85 16.23 -0.85
C ILE C 108 -29.71 17.23 -0.69
N TRP C 109 -30.03 18.52 -0.65
CA TRP C 109 -28.97 19.53 -0.50
C TRP C 109 -28.16 19.28 0.77
N LYS C 110 -28.82 18.90 1.87
CA LYS C 110 -28.08 18.58 3.09
C LYS C 110 -27.09 17.45 2.88
N VAL C 111 -27.53 16.42 2.15
CA VAL C 111 -26.66 15.28 1.84
C VAL C 111 -25.49 15.73 0.98
N ILE C 112 -25.75 16.49 -0.09
CA ILE C 112 -24.68 17.05 -0.92
C ILE C 112 -23.65 17.80 -0.06
N ALA C 113 -24.14 18.63 0.87
CA ALA C 113 -23.23 19.41 1.70
C ALA C 113 -22.35 18.51 2.54
N LYS C 114 -22.92 17.43 3.07
CA LYS C 114 -22.13 16.46 3.83
C LYS C 114 -21.12 15.79 2.92
N MET C 115 -21.53 15.45 1.69
CA MET C 115 -20.60 14.81 0.78
C MET C 115 -19.46 15.74 0.42
N ALA C 116 -19.76 17.03 0.27
CA ALA C 116 -18.70 17.98 -0.05
C ALA C 116 -17.68 18.06 1.08
N THR C 117 -18.13 17.99 2.32
CA THR C 117 -17.20 18.02 3.47
C THR C 117 -16.33 16.78 3.49
N ILE C 118 -16.93 15.61 3.23
CA ILE C 118 -16.15 14.38 3.12
C ILE C 118 -15.10 14.50 2.01
N LEU C 119 -15.49 15.05 0.87
CA LEU C 119 -14.58 15.12 -0.26
C LEU C 119 -13.39 15.99 0.09
N ASP C 120 -13.62 17.07 0.84
CA ASP C 120 -12.53 17.91 1.30
C ASP C 120 -11.57 17.13 2.22
N GLN C 121 -12.14 16.30 3.10
N GLN C 121 -12.14 16.32 3.12
CA GLN C 121 -11.31 15.52 4.01
CA GLN C 121 -11.29 15.52 3.99
C GLN C 121 -10.53 14.44 3.26
C GLN C 121 -10.49 14.49 3.20
N ILE C 122 -11.12 13.85 2.21
CA ILE C 122 -10.39 12.88 1.40
C ILE C 122 -9.17 13.55 0.76
N ALA C 123 -9.36 14.74 0.22
CA ALA C 123 -8.27 15.43 -0.45
C ALA C 123 -7.10 15.64 0.51
N LYS C 124 -7.39 15.96 1.76
CA LYS C 124 -6.34 16.18 2.74
C LYS C 124 -5.73 14.90 3.27
N ALA C 125 -6.33 13.73 3.01
CA ALA C 125 -5.78 12.45 3.43
C ALA C 125 -5.02 11.71 2.33
N ILE C 126 -5.04 12.20 1.09
CA ILE C 126 -4.31 11.55 -0.02
C ILE C 126 -3.06 12.33 -0.40
N SER D 1 -28.04 -25.16 -32.21
CA SER D 1 -28.94 -24.07 -32.67
C SER D 1 -28.40 -22.72 -32.21
N ILE D 2 -28.93 -21.64 -32.81
CA ILE D 2 -28.58 -20.29 -32.36
C ILE D 2 -28.85 -20.14 -30.88
N LYS D 3 -30.00 -20.61 -30.42
CA LYS D 3 -30.35 -20.41 -29.02
C LYS D 3 -29.40 -21.15 -28.09
N SER D 4 -29.00 -22.37 -28.43
N SER D 4 -29.03 -22.37 -28.44
CA SER D 4 -28.13 -23.11 -27.51
CA SER D 4 -28.14 -23.15 -27.58
C SER D 4 -26.69 -22.60 -27.55
C SER D 4 -26.74 -22.54 -27.56
N GLU D 5 -26.21 -22.18 -28.73
CA GLU D 5 -24.88 -21.58 -28.79
C GLU D 5 -24.86 -20.26 -28.03
N PHE D 6 -25.93 -19.47 -28.13
CA PHE D 6 -25.93 -18.19 -27.45
C PHE D 6 -25.88 -18.39 -25.94
N ALA D 7 -26.73 -19.27 -25.42
CA ALA D 7 -26.78 -19.47 -23.97
C ALA D 7 -25.47 -20.01 -23.46
N GLU D 8 -24.83 -20.94 -24.18
CA GLU D 8 -23.56 -21.47 -23.72
C GLU D 8 -22.48 -20.39 -23.72
N GLY D 9 -22.44 -19.57 -24.76
CA GLY D 9 -21.49 -18.46 -24.76
C GLY D 9 -21.78 -17.47 -23.64
N ALA D 10 -23.05 -17.20 -23.37
CA ALA D 10 -23.41 -16.31 -22.29
C ALA D 10 -22.92 -16.85 -20.96
N ALA D 11 -23.02 -18.16 -20.76
CA ALA D 11 -22.52 -18.75 -19.52
C ALA D 11 -21.00 -18.60 -19.41
N VAL D 12 -20.28 -18.77 -20.51
CA VAL D 12 -18.81 -18.58 -20.44
C VAL D 12 -18.48 -17.13 -20.15
N PHE D 13 -19.21 -16.20 -20.76
CA PHE D 13 -19.01 -14.78 -20.44
C PHE D 13 -19.25 -14.51 -18.96
N VAL D 14 -20.32 -15.09 -18.39
CA VAL D 14 -20.60 -14.95 -16.96
C VAL D 14 -19.43 -15.47 -16.13
N GLU D 15 -18.90 -16.64 -16.48
CA GLU D 15 -17.77 -17.17 -15.73
C GLU D 15 -16.55 -16.26 -15.87
N GLY D 16 -16.32 -15.74 -17.09
CA GLY D 16 -15.17 -14.89 -17.29
C GLY D 16 -15.26 -13.60 -16.53
N VAL D 17 -16.45 -13.00 -16.51
CA VAL D 17 -16.63 -11.77 -15.75
C VAL D 17 -16.41 -12.04 -14.27
N ALA D 18 -16.94 -13.15 -13.78
CA ALA D 18 -16.75 -13.47 -12.36
C ALA D 18 -15.28 -13.64 -12.01
N VAL D 19 -14.53 -14.33 -12.87
CA VAL D 19 -13.11 -14.55 -12.62
C VAL D 19 -12.38 -13.21 -12.65
N PHE D 20 -12.75 -12.35 -13.59
CA PHE D 20 -12.09 -11.06 -13.69
C PHE D 20 -12.34 -10.21 -12.45
N LEU D 21 -13.58 -10.16 -11.98
CA LEU D 21 -13.91 -9.41 -10.77
C LEU D 21 -13.14 -9.97 -9.58
N THR D 22 -13.06 -11.30 -9.47
CA THR D 22 -12.36 -11.93 -8.36
C THR D 22 -10.87 -11.57 -8.43
N MET D 23 -10.33 -11.56 -9.63
CA MET D 23 -8.94 -11.14 -9.85
C MET D 23 -8.71 -9.69 -9.48
N MET D 24 -9.66 -8.80 -9.83
CA MET D 24 -9.50 -7.40 -9.40
C MET D 24 -9.44 -7.31 -7.88
N ALA D 25 -10.31 -8.05 -7.20
CA ALA D 25 -10.34 -8.01 -5.75
C ALA D 25 -9.03 -8.53 -5.17
N ALA D 26 -8.52 -9.63 -5.70
CA ALA D 26 -7.26 -10.17 -5.21
C ALA D 26 -6.12 -9.20 -5.42
N PHE D 27 -6.11 -8.53 -6.56
CA PHE D 27 -5.08 -7.54 -6.81
C PHE D 27 -5.15 -6.39 -5.81
N GLN D 28 -6.36 -5.89 -5.53
CA GLN D 28 -6.48 -4.84 -4.52
C GLN D 28 -5.97 -5.31 -3.16
N ASN D 29 -6.19 -6.59 -2.83
CA ASN D 29 -5.75 -7.14 -1.54
C ASN D 29 -4.27 -7.49 -1.50
N GLY D 30 -3.55 -7.38 -2.61
CA GLY D 30 -2.16 -7.76 -2.71
C GLY D 30 -1.89 -9.24 -2.90
N ASP D 31 -2.92 -10.05 -3.16
CA ASP D 31 -2.76 -11.51 -3.22
C ASP D 31 -2.32 -11.88 -4.63
N LYS D 32 -1.00 -11.66 -4.86
CA LYS D 32 -0.41 -11.85 -6.18
C LYS D 32 -0.43 -13.31 -6.60
N GLU D 33 -0.33 -14.24 -5.64
CA GLU D 33 -0.44 -15.66 -5.99
C GLU D 33 -1.82 -15.98 -6.54
N ALA D 34 -2.87 -15.40 -5.94
CA ALA D 34 -4.21 -15.62 -6.46
C ALA D 34 -4.37 -14.96 -7.84
N VAL D 35 -3.84 -13.75 -8.00
CA VAL D 35 -3.92 -13.10 -9.31
C VAL D 35 -3.32 -13.97 -10.40
N ALA D 36 -2.15 -14.55 -10.14
CA ALA D 36 -1.52 -15.42 -11.14
C ALA D 36 -2.42 -16.59 -11.54
N GLN D 37 -3.08 -17.20 -10.57
CA GLN D 37 -3.99 -18.30 -10.88
C GLN D 37 -5.18 -17.85 -11.71
N TYR D 38 -5.78 -16.70 -11.40
CA TYR D 38 -6.87 -16.20 -12.22
C TYR D 38 -6.42 -15.82 -13.63
N LEU D 39 -5.22 -15.27 -13.77
CA LEU D 39 -4.74 -14.94 -15.11
C LEU D 39 -4.56 -16.20 -15.94
N ALA D 40 -4.06 -17.27 -15.35
CA ALA D 40 -3.95 -18.54 -16.06
C ALA D 40 -5.33 -19.07 -16.46
N ARG D 41 -6.31 -18.99 -15.57
CA ARG D 41 -7.64 -19.45 -15.92
C ARG D 41 -8.28 -18.59 -17.00
N GLY D 42 -8.04 -17.28 -16.96
CA GLY D 42 -8.60 -16.40 -17.98
C GLY D 42 -8.20 -16.78 -19.38
N ALA D 43 -6.98 -17.27 -19.55
CA ALA D 43 -6.53 -17.67 -20.87
C ALA D 43 -7.34 -18.84 -21.42
N SER D 44 -7.68 -19.81 -20.55
CA SER D 44 -8.49 -20.95 -20.97
C SER D 44 -9.92 -20.52 -21.30
N LEU D 45 -10.47 -19.60 -20.51
CA LEU D 45 -11.79 -19.08 -20.80
C LEU D 45 -11.80 -18.39 -22.16
N TYR D 46 -10.70 -17.72 -22.50
CA TYR D 46 -10.58 -17.10 -23.81
C TYR D 46 -10.79 -18.08 -24.94
N THR D 47 -10.05 -19.19 -24.93
CA THR D 47 -10.18 -20.19 -25.98
C THR D 47 -11.60 -20.73 -26.06
N ARG D 48 -12.21 -20.98 -24.91
CA ARG D 48 -13.54 -21.56 -24.89
C ARG D 48 -14.55 -20.56 -25.46
N HIS D 49 -14.45 -19.30 -25.05
CA HIS D 49 -15.39 -18.31 -25.53
C HIS D 49 -15.21 -18.10 -27.03
N GLU D 50 -13.95 -18.06 -27.50
CA GLU D 50 -13.72 -17.84 -28.93
C GLU D 50 -14.41 -18.93 -29.77
N GLU D 51 -14.29 -20.19 -29.36
CA GLU D 51 -14.96 -21.28 -30.06
C GLU D 51 -16.47 -21.02 -30.16
N LEU D 52 -17.10 -20.70 -29.03
CA LEU D 52 -18.54 -20.48 -29.01
C LEU D 52 -18.92 -19.26 -29.83
N LEU D 53 -18.12 -18.21 -29.79
CA LEU D 53 -18.43 -17.05 -30.63
C LEU D 53 -18.41 -17.42 -32.10
N ASN D 54 -17.39 -18.19 -32.51
N ASN D 54 -17.42 -18.23 -32.51
CA ASN D 54 -17.30 -18.63 -33.89
CA ASN D 54 -17.34 -18.58 -33.93
C ASN D 54 -18.53 -19.43 -34.29
C ASN D 54 -18.52 -19.46 -34.33
N ARG D 55 -18.91 -20.39 -33.45
CA ARG D 55 -20.05 -21.25 -33.76
C ARG D 55 -21.34 -20.43 -33.87
N LEU D 56 -21.53 -19.50 -32.95
CA LEU D 56 -22.75 -18.69 -33.00
C LEU D 56 -22.75 -17.80 -34.23
N LEU D 57 -21.61 -17.18 -34.56
CA LEU D 57 -21.60 -16.27 -35.71
C LEU D 57 -21.94 -17.02 -36.99
N GLN D 58 -21.41 -18.25 -37.16
CA GLN D 58 -21.76 -19.03 -38.35
C GLN D 58 -23.26 -19.31 -38.42
N LYS D 59 -23.88 -19.64 -37.28
CA LYS D 59 -25.31 -19.93 -37.30
C LYS D 59 -26.13 -18.68 -37.56
N LEU D 60 -25.73 -17.55 -37.02
CA LEU D 60 -26.44 -16.30 -37.28
C LEU D 60 -26.33 -15.89 -38.73
N ARG D 61 -25.16 -16.05 -39.33
CA ARG D 61 -24.99 -15.69 -40.73
C ARG D 61 -25.89 -16.54 -41.64
N ARG D 62 -26.01 -17.82 -41.32
CA ARG D 62 -26.84 -18.69 -42.17
C ARG D 62 -28.32 -18.35 -42.04
N GLU D 63 -28.78 -18.06 -40.83
N GLU D 63 -28.80 -18.05 -40.84
CA GLU D 63 -30.19 -17.73 -40.67
CA GLU D 63 -30.18 -17.55 -40.74
C GLU D 63 -30.53 -16.38 -41.32
C GLU D 63 -30.57 -16.87 -39.43
N GLY D 64 -29.54 -15.51 -41.52
N GLY D 64 -29.70 -15.98 -38.95
CA GLY D 64 -29.80 -14.22 -42.15
CA GLY D 64 -30.12 -14.99 -37.98
C GLY D 64 -30.47 -13.22 -41.24
C GLY D 64 -30.55 -13.71 -38.69
N ASN D 65 -30.25 -13.35 -39.93
N ASN D 65 -31.23 -12.84 -37.96
CA ASN D 65 -30.74 -12.40 -38.93
CA ASN D 65 -31.62 -11.58 -38.58
C ASN D 65 -29.79 -11.20 -38.93
C ASN D 65 -30.42 -10.64 -38.71
N LYS D 66 -30.21 -10.11 -39.56
N LYS D 66 -30.50 -9.72 -39.68
CA LYS D 66 -29.27 -9.02 -39.82
CA LYS D 66 -29.38 -8.82 -39.91
C LYS D 66 -28.92 -8.24 -38.56
C LYS D 66 -28.99 -8.06 -38.66
N GLU D 67 -29.92 -7.91 -37.70
CA GLU D 67 -29.61 -7.17 -36.50
C GLU D 67 -28.72 -7.96 -35.56
N ALA D 68 -29.01 -9.27 -35.40
CA ALA D 68 -28.18 -10.12 -34.58
C ALA D 68 -26.79 -10.29 -35.18
N VAL D 69 -26.69 -10.36 -36.50
CA VAL D 69 -25.38 -10.52 -37.12
C VAL D 69 -24.51 -9.30 -36.84
N THR D 70 -25.09 -8.10 -37.00
CA THR D 70 -24.24 -6.91 -36.85
C THR D 70 -23.84 -6.71 -35.39
N LEU D 71 -24.77 -6.97 -34.44
CA LEU D 71 -24.40 -6.93 -33.04
C LEU D 71 -23.31 -7.95 -32.70
N MET D 72 -23.44 -9.16 -33.24
CA MET D 72 -22.46 -10.21 -33.00
C MET D 72 -21.12 -9.85 -33.62
N ASN D 73 -21.13 -9.25 -34.81
CA ASN D 73 -19.88 -8.72 -35.35
C ASN D 73 -19.21 -7.75 -34.39
N GLU D 74 -19.97 -6.84 -33.77
CA GLU D 74 -19.36 -5.88 -32.86
C GLU D 74 -18.82 -6.59 -31.62
N PHE D 75 -19.60 -7.52 -31.06
CA PHE D 75 -19.12 -8.28 -29.91
C PHE D 75 -17.81 -8.99 -30.25
N THR D 76 -17.78 -9.69 -31.38
N THR D 76 -17.80 -9.71 -31.37
CA THR D 76 -16.60 -10.50 -31.69
CA THR D 76 -16.64 -10.49 -31.76
C THR D 76 -15.42 -9.62 -32.10
C THR D 76 -15.44 -9.60 -32.07
N ALA D 77 -15.67 -8.48 -32.76
CA ALA D 77 -14.58 -7.56 -33.08
C ALA D 77 -13.98 -6.99 -31.82
N THR D 78 -14.82 -6.73 -30.83
CA THR D 78 -14.33 -6.21 -29.54
C THR D 78 -13.54 -7.27 -28.81
N PHE D 79 -14.07 -8.48 -28.78
CA PHE D 79 -13.37 -9.62 -28.21
C PHE D 79 -11.98 -9.80 -28.82
N GLN D 80 -11.89 -9.74 -30.15
CA GLN D 80 -10.61 -10.01 -30.81
C GLN D 80 -9.66 -8.85 -30.63
N THR D 81 -10.14 -7.62 -30.79
CA THR D 81 -9.28 -6.45 -30.67
C THR D 81 -8.84 -6.29 -29.22
N GLY D 82 -9.69 -6.69 -28.26
CA GLY D 82 -9.40 -6.57 -26.85
C GLY D 82 -8.30 -7.50 -26.38
N LYS D 83 -7.95 -8.51 -27.17
CA LYS D 83 -6.83 -9.36 -26.84
C LYS D 83 -5.56 -8.55 -26.63
N SER D 84 -5.44 -7.40 -27.31
N SER D 84 -5.45 -7.39 -27.31
CA SER D 84 -4.25 -6.59 -27.13
CA SER D 84 -4.26 -6.57 -27.14
C SER D 84 -4.14 -6.07 -25.71
C SER D 84 -4.14 -6.05 -25.72
N LEU D 85 -5.28 -5.71 -25.10
CA LEU D 85 -5.26 -5.24 -23.72
C LEU D 85 -4.96 -6.37 -22.77
N ALA D 86 -5.49 -7.56 -23.06
CA ALA D 86 -5.20 -8.72 -22.24
C ALA D 86 -3.71 -9.05 -22.28
N ASN D 87 -3.09 -8.96 -23.46
CA ASN D 87 -1.66 -9.24 -23.56
C ASN D 87 -0.86 -8.24 -22.75
N ALA D 88 -1.30 -6.98 -22.72
CA ALA D 88 -0.60 -5.95 -21.97
C ALA D 88 -0.78 -6.16 -20.47
N LEU D 89 -1.97 -6.62 -20.07
CA LEU D 89 -2.21 -6.97 -18.67
C LEU D 89 -1.24 -8.05 -18.22
N ILE D 90 -1.14 -9.11 -19.01
CA ILE D 90 -0.22 -10.21 -18.71
C ILE D 90 1.22 -9.70 -18.61
N ALA D 91 1.64 -8.89 -19.58
CA ALA D 91 3.00 -8.34 -19.53
C ALA D 91 3.23 -7.56 -18.25
N ALA D 92 2.25 -6.75 -17.84
CA ALA D 92 2.42 -5.97 -16.62
C ALA D 92 2.57 -6.87 -15.41
N PHE D 93 1.85 -8.00 -15.39
CA PHE D 93 1.99 -8.93 -14.27
C PHE D 93 3.39 -9.54 -14.24
N LYS D 94 3.85 -9.99 -15.40
CA LYS D 94 5.18 -10.60 -15.49
C LYS D 94 6.29 -9.62 -15.11
N ASN D 95 6.12 -8.32 -15.36
CA ASN D 95 7.07 -7.29 -14.97
C ASN D 95 6.91 -6.82 -13.53
N GLY D 96 5.87 -7.24 -12.83
CA GLY D 96 5.61 -6.72 -11.51
C GLY D 96 5.17 -5.28 -11.51
N ASP D 97 4.68 -4.78 -12.63
CA ASP D 97 4.32 -3.37 -12.79
C ASP D 97 2.89 -3.18 -12.32
N ASP D 98 2.72 -2.98 -11.01
CA ASP D 98 1.38 -2.93 -10.42
C ASP D 98 0.59 -1.75 -10.96
N ASP D 99 1.25 -0.61 -11.18
CA ASP D 99 0.53 0.55 -11.66
C ASP D 99 -0.02 0.32 -13.07
N SER D 100 0.76 -0.33 -13.93
N SER D 100 0.76 -0.36 -13.92
CA SER D 100 0.25 -0.67 -15.25
CA SER D 100 0.28 -0.69 -15.27
C SER D 100 -0.84 -1.73 -15.15
C SER D 100 -0.78 -1.79 -15.22
N PHE D 101 -0.62 -2.74 -14.30
CA PHE D 101 -1.61 -3.80 -14.16
C PHE D 101 -2.96 -3.21 -13.77
N GLU D 102 -2.97 -2.33 -12.77
CA GLU D 102 -4.20 -1.67 -12.35
C GLU D 102 -4.85 -0.93 -13.49
N SER D 103 -4.04 -0.21 -14.28
CA SER D 103 -4.56 0.62 -15.35
C SER D 103 -5.24 -0.24 -16.40
N TYR D 104 -4.63 -1.39 -16.74
CA TYR D 104 -5.27 -2.27 -17.72
C TYR D 104 -6.47 -3.00 -17.15
N LEU D 105 -6.44 -3.35 -15.86
CA LEU D 105 -7.65 -3.91 -15.24
C LEU D 105 -8.86 -2.98 -15.43
N GLN D 106 -8.67 -1.70 -15.16
CA GLN D 106 -9.79 -0.76 -15.19
C GLN D 106 -10.21 -0.49 -16.63
N ALA D 107 -9.25 -0.40 -17.55
CA ALA D 107 -9.60 -0.19 -18.95
C ALA D 107 -10.32 -1.40 -19.53
N ILE D 108 -9.88 -2.61 -19.18
CA ILE D 108 -10.53 -3.83 -19.64
C ILE D 108 -11.95 -3.92 -19.10
N TRP D 109 -12.16 -3.50 -17.85
CA TRP D 109 -13.51 -3.58 -17.29
C TRP D 109 -14.46 -2.70 -18.11
N LYS D 110 -13.98 -1.56 -18.59
CA LYS D 110 -14.82 -0.71 -19.43
C LYS D 110 -15.22 -1.42 -20.70
N VAL D 111 -14.30 -2.18 -21.31
CA VAL D 111 -14.62 -2.96 -22.50
C VAL D 111 -15.58 -4.10 -22.17
N ILE D 112 -15.36 -4.79 -21.05
CA ILE D 112 -16.28 -5.85 -20.62
C ILE D 112 -17.68 -5.29 -20.46
N ALA D 113 -17.80 -4.12 -19.86
CA ALA D 113 -19.13 -3.55 -19.64
C ALA D 113 -19.83 -3.26 -20.97
N LYS D 114 -19.09 -2.74 -21.94
CA LYS D 114 -19.63 -2.55 -23.30
C LYS D 114 -20.06 -3.87 -23.92
N MET D 115 -19.22 -4.90 -23.78
CA MET D 115 -19.58 -6.19 -24.35
C MET D 115 -20.85 -6.74 -23.69
N ALA D 116 -21.01 -6.53 -22.39
CA ALA D 116 -22.20 -7.04 -21.71
C ALA D 116 -23.45 -6.37 -22.23
N THR D 117 -23.37 -5.08 -22.55
CA THR D 117 -24.52 -4.39 -23.14
C THR D 117 -24.84 -4.95 -24.52
N ILE D 118 -23.82 -5.22 -25.32
CA ILE D 118 -24.04 -5.82 -26.64
C ILE D 118 -24.67 -7.19 -26.49
N LEU D 119 -24.16 -7.99 -25.55
CA LEU D 119 -24.69 -9.33 -25.36
C LEU D 119 -26.18 -9.27 -25.03
N ASP D 120 -26.58 -8.32 -24.18
CA ASP D 120 -27.99 -8.13 -23.87
C ASP D 120 -28.79 -7.83 -25.13
N GLN D 121 -28.23 -6.99 -26.02
N GLN D 121 -28.24 -7.00 -26.03
CA GLN D 121 -28.94 -6.66 -27.26
CA GLN D 121 -28.96 -6.67 -27.25
C GLN D 121 -29.08 -7.87 -28.16
C GLN D 121 -29.08 -7.87 -28.18
N ILE D 122 -28.03 -8.69 -28.26
CA ILE D 122 -28.11 -9.90 -29.07
C ILE D 122 -29.22 -10.81 -28.56
N ALA D 123 -29.30 -10.99 -27.24
CA ALA D 123 -30.33 -11.85 -26.67
C ALA D 123 -31.73 -11.39 -27.07
N LYS D 124 -31.93 -10.10 -27.29
CA LYS D 124 -33.22 -9.58 -27.66
C LYS D 124 -33.44 -9.58 -29.16
N ALA D 125 -32.39 -9.76 -29.95
CA ALA D 125 -32.50 -9.81 -31.41
C ALA D 125 -32.64 -11.22 -31.96
N ILE D 126 -32.38 -12.26 -31.16
CA ILE D 126 -32.54 -13.64 -31.61
C ILE D 126 -33.95 -14.14 -31.30
#